data_1HZF
#
_entry.id   1HZF
#
_cell.length_a   56.510
_cell.length_b   71.430
_cell.length_c   85.740
_cell.angle_alpha   90.00
_cell.angle_beta   90.00
_cell.angle_gamma   90.00
#
_symmetry.space_group_name_H-M   'P 21 21 21'
#
loop_
_entity.id
_entity.type
_entity.pdbx_description
1 polymer 'COMPLEMENT FACTOR C4A'
2 water water
#
_entity_poly.entity_id   1
_entity_poly.type   'polypeptide(L)'
_entity_poly.pdbx_seq_one_letter_code
;TLEIPGNSDPN(MSE)IPDGDFNSYVRVTASDPLDTLGSEGALSPGGVASLLRLPRGCGEQT(MSE)IYLAPTLAASRYL
DKTEQWSTLPPETKDHAVDLIQKGYMRIQQFRKADGSYAAWLSRDSSTWLTAFVLKVLSLAQEQVGGSPEKLQETSNWLL
SQQQADGSFQDPCPVLDRS(MSE)QGGLVGNDETVALTAFVTIALHHGLAVFQDEGAEPLKQRVEASISKASSFLGEKAS
AGLLGAHAAAITAYALTLTKAPADLRGVAHNNL(MSE)A(MSE)AQETGDNLYWGSVTGSQSNAVSPTPAPRNPSDP
(MSE)PQAPALWIETTAYALLHLLLHEGKAE(MSE)ADQASAWLTRQGSFQGGFRSTQDTVIALDALSAYWIASHTTE
;
_entity_poly.pdbx_strand_id   A
#
# COMPACT_ATOMS: atom_id res chain seq x y z
N SER A 40 0.05 -10.37 17.86
CA SER A 40 0.90 -9.84 18.97
C SER A 40 0.29 -8.62 19.67
N PRO A 41 -1.02 -8.66 19.94
CA PRO A 41 -1.86 -7.62 20.58
C PRO A 41 -1.19 -6.29 20.96
N GLY A 42 -0.61 -6.23 22.16
CA GLY A 42 0.03 -5.00 22.64
C GLY A 42 1.07 -4.41 21.70
N GLY A 43 1.87 -5.27 21.06
CA GLY A 43 2.91 -4.79 20.16
C GLY A 43 2.36 -4.03 18.96
N VAL A 44 1.22 -4.50 18.45
CA VAL A 44 0.56 -3.88 17.31
C VAL A 44 -0.20 -2.64 17.77
N ALA A 45 -0.84 -2.73 18.93
CA ALA A 45 -1.59 -1.59 19.47
C ALA A 45 -0.66 -0.43 19.78
N SER A 46 0.63 -0.73 19.87
CA SER A 46 1.63 0.29 20.15
C SER A 46 1.79 1.21 18.95
N LEU A 47 1.39 0.70 17.78
CA LEU A 47 1.49 1.46 16.55
C LEU A 47 0.35 2.47 16.44
N LEU A 48 -0.58 2.42 17.38
CA LEU A 48 -1.69 3.36 17.39
C LEU A 48 -1.13 4.68 17.92
N ARG A 49 -0.85 5.60 17.02
CA ARG A 49 -0.30 6.89 17.42
C ARG A 49 -1.10 8.10 16.96
N LEU A 50 -0.85 9.24 17.61
CA LEU A 50 -1.53 10.48 17.30
C LEU A 50 -0.86 11.19 16.14
N PRO A 51 -1.65 11.55 15.10
CA PRO A 51 -1.12 12.25 13.92
C PRO A 51 -0.78 13.69 14.25
N ARG A 52 0.31 14.19 13.69
CA ARG A 52 0.71 15.57 13.93
C ARG A 52 1.80 15.96 12.95
N GLY A 53 1.99 17.25 12.75
CA GLY A 53 3.01 17.75 11.83
C GLY A 53 2.44 18.14 10.48
N CYS A 54 3.32 18.34 9.49
CA CYS A 54 2.87 18.71 8.14
C CYS A 54 2.12 17.55 7.45
N GLY A 55 1.85 17.68 6.16
CA GLY A 55 1.16 16.64 5.42
C GLY A 55 1.91 15.33 5.35
N GLU A 56 3.24 15.40 5.32
CA GLU A 56 4.06 14.20 5.25
C GLU A 56 4.11 13.47 6.59
N GLN A 57 4.32 14.22 7.67
CA GLN A 57 4.40 13.63 9.02
C GLN A 57 3.08 13.03 9.50
N THR A 58 2.00 13.62 9.06
CA THR A 58 0.65 13.15 9.42
C THR A 58 0.43 11.72 8.93
N ILE A 60 2.71 9.58 8.14
CA ILE A 60 3.69 8.69 8.79
C ILE A 60 3.07 8.14 10.07
N TYR A 61 2.14 8.87 10.66
CA TYR A 61 1.47 8.42 11.87
C TYR A 61 0.15 7.75 11.57
N LEU A 62 -0.59 8.30 10.61
CA LEU A 62 -1.88 7.76 10.23
C LEU A 62 -1.81 6.38 9.57
N ALA A 63 -0.98 6.26 8.53
CA ALA A 63 -0.83 5.00 7.79
C ALA A 63 -0.65 3.77 8.68
N PRO A 64 0.34 3.78 9.59
CA PRO A 64 0.53 2.62 10.46
C PRO A 64 -0.56 2.48 11.51
N THR A 65 -1.17 3.60 11.94
CA THR A 65 -2.24 3.54 12.92
C THR A 65 -3.43 2.81 12.29
N LEU A 66 -3.76 3.17 11.05
CA LEU A 66 -4.86 2.53 10.34
C LEU A 66 -4.50 1.07 10.06
N ALA A 67 -3.25 0.81 9.74
CA ALA A 67 -2.79 -0.56 9.47
C ALA A 67 -2.92 -1.47 10.71
N ALA A 68 -2.48 -0.94 11.85
CA ALA A 68 -2.53 -1.67 13.11
C ALA A 68 -3.96 -1.99 13.48
N SER A 69 -4.82 -0.99 13.34
CA SER A 69 -6.22 -1.12 13.65
C SER A 69 -6.85 -2.21 12.76
N ARG A 70 -6.57 -2.14 11.46
CA ARG A 70 -7.11 -3.12 10.53
C ARG A 70 -6.62 -4.52 10.87
N TYR A 71 -5.39 -4.63 11.34
CA TYR A 71 -4.82 -5.92 11.72
C TYR A 71 -5.59 -6.52 12.90
N LEU A 72 -5.91 -5.70 13.89
CA LEU A 72 -6.66 -6.16 15.07
C LEU A 72 -8.13 -6.36 14.74
N ASP A 73 -8.58 -5.73 13.66
CA ASP A 73 -9.97 -5.82 13.22
C ASP A 73 -10.18 -7.11 12.46
N LYS A 74 -9.14 -7.58 11.78
CA LYS A 74 -9.25 -8.81 11.01
C LYS A 74 -8.83 -10.05 11.78
N THR A 75 -7.81 -9.92 12.63
CA THR A 75 -7.38 -11.07 13.41
C THR A 75 -8.24 -11.28 14.65
N GLU A 76 -9.21 -10.40 14.88
CA GLU A 76 -10.11 -10.52 16.02
C GLU A 76 -9.35 -10.55 17.36
N GLN A 77 -8.35 -9.66 17.51
CA GLN A 77 -7.58 -9.62 18.75
C GLN A 77 -7.86 -8.38 19.59
N TRP A 78 -9.00 -7.73 19.34
CA TRP A 78 -9.37 -6.55 20.11
C TRP A 78 -9.76 -6.94 21.54
N SER A 79 -10.47 -8.06 21.66
CA SER A 79 -10.95 -8.53 22.96
C SER A 79 -9.82 -8.72 23.95
N THR A 80 -8.63 -9.09 23.47
CA THR A 80 -7.48 -9.30 24.34
C THR A 80 -6.91 -7.98 24.85
N LEU A 81 -7.53 -6.88 24.45
CA LEU A 81 -7.09 -5.53 24.85
C LEU A 81 -8.25 -4.78 25.52
N PRO A 82 -7.94 -3.75 26.31
CA PRO A 82 -9.00 -2.98 26.98
C PRO A 82 -10.04 -2.56 25.95
N PRO A 83 -11.33 -2.72 26.30
CA PRO A 83 -12.45 -2.36 25.43
C PRO A 83 -12.46 -0.93 24.89
N GLU A 84 -11.81 -0.01 25.60
CA GLU A 84 -11.77 1.39 25.18
C GLU A 84 -10.69 1.64 24.14
N THR A 85 -9.77 0.69 23.99
CA THR A 85 -8.68 0.80 23.02
C THR A 85 -9.20 1.00 21.61
N LYS A 86 -10.26 0.29 21.25
CA LYS A 86 -10.83 0.41 19.92
C LYS A 86 -11.41 1.80 19.73
N ASP A 87 -12.02 2.36 20.77
CA ASP A 87 -12.59 3.70 20.70
C ASP A 87 -11.47 4.71 20.54
N HIS A 88 -10.30 4.38 21.08
CA HIS A 88 -9.15 5.24 20.98
C HIS A 88 -8.57 5.14 19.57
N ALA A 89 -8.44 3.91 19.08
CA ALA A 89 -7.92 3.66 17.74
C ALA A 89 -8.81 4.33 16.70
N VAL A 90 -10.12 4.10 16.82
CA VAL A 90 -11.08 4.69 15.90
C VAL A 90 -11.03 6.21 15.95
N ASP A 91 -10.84 6.76 17.14
CA ASP A 91 -10.76 8.20 17.32
C ASP A 91 -9.49 8.77 16.69
N LEU A 92 -8.42 7.98 16.67
CA LEU A 92 -7.15 8.42 16.09
C LEU A 92 -7.27 8.49 14.58
N ILE A 93 -7.76 7.41 13.99
CA ILE A 93 -7.94 7.32 12.55
C ILE A 93 -8.78 8.50 12.04
N GLN A 94 -9.82 8.84 12.79
CA GLN A 94 -10.70 9.95 12.41
C GLN A 94 -9.98 11.30 12.46
N LYS A 95 -9.14 11.50 13.46
CA LYS A 95 -8.40 12.74 13.60
C LYS A 95 -7.41 12.91 12.46
N GLY A 96 -6.82 11.80 12.03
CA GLY A 96 -5.86 11.85 10.94
C GLY A 96 -6.55 12.19 9.63
N TYR A 97 -7.75 11.62 9.44
CA TYR A 97 -8.53 11.86 8.24
C TYR A 97 -8.74 13.35 8.07
N MET A 98 -9.26 13.98 9.12
CA MET A 98 -9.52 15.42 9.10
C MET A 98 -8.26 16.25 8.91
N ARG A 99 -7.23 15.98 9.72
CA ARG A 99 -5.98 16.71 9.65
C ARG A 99 -5.34 16.66 8.26
N ILE A 100 -5.32 15.48 7.64
CA ILE A 100 -4.71 15.33 6.32
C ILE A 100 -5.47 16.12 5.26
N GLN A 101 -6.76 16.33 5.49
CA GLN A 101 -7.58 17.08 4.54
C GLN A 101 -7.21 18.56 4.55
N GLN A 102 -6.54 19.00 5.62
CA GLN A 102 -6.10 20.39 5.72
C GLN A 102 -4.93 20.63 4.79
N PHE A 103 -4.38 19.55 4.24
CA PHE A 103 -3.25 19.65 3.32
C PHE A 103 -3.66 19.29 1.90
N ARG A 104 -4.98 19.19 1.70
CA ARG A 104 -5.55 18.85 0.41
C ARG A 104 -5.74 20.11 -0.43
N LYS A 105 -5.30 20.08 -1.69
CA LYS A 105 -5.46 21.22 -2.58
C LYS A 105 -6.83 21.19 -3.25
N ALA A 106 -7.14 22.21 -4.04
CA ALA A 106 -8.41 22.32 -4.74
C ALA A 106 -8.61 21.19 -5.74
N ASP A 107 -7.53 20.77 -6.38
CA ASP A 107 -7.57 19.69 -7.37
C ASP A 107 -7.52 18.31 -6.74
N GLY A 108 -7.57 18.25 -5.41
CA GLY A 108 -7.55 16.98 -4.73
C GLY A 108 -6.18 16.36 -4.52
N SER A 109 -5.12 17.14 -4.78
CA SER A 109 -3.77 16.63 -4.60
C SER A 109 -3.21 17.02 -3.23
N TYR A 110 -2.14 16.35 -2.82
CA TYR A 110 -1.54 16.62 -1.53
C TYR A 110 -0.04 16.89 -1.57
N ALA A 111 0.42 17.61 -0.55
CA ALA A 111 1.85 17.94 -0.41
C ALA A 111 2.08 18.20 1.07
N ALA A 112 3.35 18.30 1.47
CA ALA A 112 3.69 18.56 2.86
C ALA A 112 3.03 19.87 3.32
N TRP A 113 2.97 20.84 2.40
CA TRP A 113 2.36 22.15 2.65
C TRP A 113 1.51 22.52 1.45
N LEU A 114 0.52 23.37 1.67
CA LEU A 114 -0.35 23.80 0.59
C LEU A 114 0.43 24.59 -0.46
N SER A 115 1.48 25.30 -0.03
CA SER A 115 2.26 26.11 -0.97
C SER A 115 3.27 25.26 -1.74
N ARG A 116 3.54 24.06 -1.25
CA ARG A 116 4.48 23.19 -1.91
C ARG A 116 3.78 22.44 -3.05
N ASP A 117 4.51 22.19 -4.13
CA ASP A 117 3.95 21.47 -5.27
C ASP A 117 3.59 20.05 -4.85
N SER A 118 2.46 19.56 -5.35
CA SER A 118 1.97 18.23 -5.01
C SER A 118 2.85 17.06 -5.46
N SER A 119 2.86 16.02 -4.63
CA SER A 119 3.63 14.82 -4.92
C SER A 119 2.68 13.70 -5.39
N THR A 120 3.00 13.10 -6.52
CA THR A 120 2.21 12.02 -7.09
C THR A 120 2.18 10.84 -6.11
N TRP A 121 3.34 10.53 -5.52
CA TRP A 121 3.44 9.43 -4.56
C TRP A 121 2.59 9.68 -3.33
N LEU A 122 2.77 10.84 -2.71
CA LEU A 122 2.03 11.22 -1.51
C LEU A 122 0.52 11.21 -1.75
N THR A 123 0.12 11.72 -2.90
CA THR A 123 -1.29 11.77 -3.28
C THR A 123 -1.84 10.36 -3.43
N ALA A 124 -1.06 9.47 -4.02
CA ALA A 124 -1.48 8.09 -4.20
C ALA A 124 -1.53 7.39 -2.84
N PHE A 125 -0.54 7.66 -2.00
CA PHE A 125 -0.48 7.08 -0.66
C PHE A 125 -1.70 7.49 0.15
N VAL A 126 -2.07 8.78 0.07
CA VAL A 126 -3.22 9.29 0.78
C VAL A 126 -4.49 8.61 0.27
N LEU A 127 -4.62 8.50 -1.05
CA LEU A 127 -5.78 7.86 -1.65
C LEU A 127 -5.97 6.42 -1.16
N LYS A 128 -4.90 5.64 -1.19
CA LYS A 128 -4.97 4.26 -0.73
C LYS A 128 -5.38 4.18 0.73
N VAL A 129 -4.76 4.97 1.59
CA VAL A 129 -5.08 4.95 3.01
C VAL A 129 -6.51 5.41 3.29
N LEU A 130 -6.89 6.56 2.77
CA LEU A 130 -8.24 7.07 3.01
C LEU A 130 -9.31 6.13 2.43
N SER A 131 -9.04 5.51 1.29
CA SER A 131 -9.99 4.58 0.68
C SER A 131 -10.28 3.44 1.65
N LEU A 132 -9.23 2.92 2.27
CA LEU A 132 -9.37 1.84 3.24
C LEU A 132 -10.02 2.37 4.52
N ALA A 133 -9.60 3.57 4.95
CA ALA A 133 -10.13 4.17 6.19
C ALA A 133 -11.64 4.34 6.11
N GLN A 134 -12.16 4.29 4.88
CA GLN A 134 -13.59 4.42 4.63
C GLN A 134 -14.30 3.24 5.29
N GLU A 135 -13.57 2.14 5.43
CA GLU A 135 -14.06 0.91 6.05
C GLU A 135 -14.81 1.25 7.34
N GLN A 136 -14.42 2.35 7.97
CA GLN A 136 -15.06 2.77 9.21
C GLN A 136 -14.62 4.16 9.66
N VAL A 137 -15.38 5.15 9.22
CA VAL A 137 -15.14 6.57 9.51
C VAL A 137 -15.99 7.38 8.53
N GLY A 138 -16.35 6.76 7.42
CA GLY A 138 -17.15 7.44 6.41
C GLY A 138 -16.53 8.72 5.89
N GLY A 139 -16.59 8.89 4.58
CA GLY A 139 -16.02 10.09 3.98
C GLY A 139 -16.59 10.33 2.60
N SER A 140 -16.84 11.59 2.30
CA SER A 140 -17.38 11.97 0.99
C SER A 140 -16.58 11.29 -0.11
N PRO A 141 -17.19 10.30 -0.80
CA PRO A 141 -16.54 9.56 -1.88
C PRO A 141 -16.13 10.47 -3.04
N GLU A 142 -16.78 11.62 -3.15
CA GLU A 142 -16.48 12.58 -4.20
C GLU A 142 -15.07 13.14 -4.03
N LYS A 143 -14.67 13.39 -2.79
CA LYS A 143 -13.35 13.90 -2.49
C LYS A 143 -12.30 12.96 -3.09
N LEU A 144 -12.52 11.66 -2.89
CA LEU A 144 -11.62 10.62 -3.39
C LEU A 144 -11.68 10.42 -4.91
N GLN A 145 -12.84 10.65 -5.50
CA GLN A 145 -13.00 10.51 -6.94
C GLN A 145 -12.22 11.62 -7.63
N GLU A 146 -12.20 12.77 -6.98
CA GLU A 146 -11.49 13.94 -7.50
C GLU A 146 -9.98 13.70 -7.43
N THR A 147 -9.52 13.12 -6.32
CA THR A 147 -8.10 12.84 -6.15
C THR A 147 -7.62 11.84 -7.20
N SER A 148 -8.48 10.89 -7.54
CA SER A 148 -8.17 9.90 -8.55
C SER A 148 -8.05 10.58 -9.90
N ASN A 149 -8.87 11.61 -10.13
CA ASN A 149 -8.83 12.32 -11.41
C ASN A 149 -7.48 13.00 -11.56
N TRP A 150 -7.00 13.64 -10.49
CA TRP A 150 -5.72 14.33 -10.50
C TRP A 150 -4.58 13.37 -10.85
N LEU A 151 -4.61 12.16 -10.27
CA LEU A 151 -3.57 11.18 -10.53
C LEU A 151 -3.46 10.81 -12.00
N LEU A 152 -4.60 10.75 -12.68
CA LEU A 152 -4.62 10.39 -14.09
C LEU A 152 -3.91 11.42 -14.97
N SER A 153 -3.66 12.62 -14.45
CA SER A 153 -2.98 13.63 -15.24
C SER A 153 -1.48 13.46 -15.13
N GLN A 154 -1.06 12.63 -14.19
CA GLN A 154 0.35 12.37 -13.96
C GLN A 154 0.85 11.15 -14.75
N GLN A 155 -0.04 10.52 -15.50
CA GLN A 155 0.33 9.35 -16.29
C GLN A 155 0.91 9.74 -17.65
N GLN A 156 1.94 9.01 -18.07
CA GLN A 156 2.59 9.27 -19.33
C GLN A 156 1.97 8.50 -20.49
N ALA A 157 2.46 8.79 -21.69
CA ALA A 157 1.99 8.14 -22.90
C ALA A 157 2.37 6.65 -22.87
N ASP A 158 3.55 6.34 -22.33
CA ASP A 158 3.99 4.94 -22.26
C ASP A 158 3.29 4.17 -21.15
N GLY A 159 2.46 4.86 -20.38
CA GLY A 159 1.72 4.22 -19.30
C GLY A 159 2.30 4.39 -17.91
N SER A 160 3.51 4.91 -17.82
CA SER A 160 4.13 5.10 -16.52
C SER A 160 3.61 6.36 -15.83
N PHE A 161 4.01 6.55 -14.58
CA PHE A 161 3.61 7.71 -13.80
C PHE A 161 4.87 8.46 -13.39
N GLN A 162 4.76 9.77 -13.24
CA GLN A 162 5.89 10.58 -12.81
C GLN A 162 5.50 11.36 -11.58
N ASP A 163 6.49 11.70 -10.77
CA ASP A 163 6.24 12.50 -9.59
C ASP A 163 7.03 13.78 -9.78
N PRO A 164 6.36 14.85 -10.26
CA PRO A 164 6.98 16.14 -10.50
C PRO A 164 7.68 16.73 -9.28
N CYS A 165 7.10 16.56 -8.10
CA CYS A 165 7.70 17.08 -6.87
C CYS A 165 7.68 16.05 -5.75
N PRO A 166 8.71 15.20 -5.67
CA PRO A 166 8.79 14.17 -4.63
C PRO A 166 8.70 14.73 -3.21
N VAL A 167 8.31 13.87 -2.26
CA VAL A 167 8.19 14.25 -0.86
C VAL A 167 9.56 14.55 -0.23
N LEU A 168 9.56 15.44 0.76
CA LEU A 168 10.78 15.84 1.47
C LEU A 168 11.40 14.66 2.26
N ASP A 169 10.57 13.95 3.02
CA ASP A 169 11.00 12.81 3.82
C ASP A 169 10.96 11.55 2.98
N ARG A 170 11.97 11.37 2.13
CA ARG A 170 12.06 10.22 1.24
C ARG A 170 12.07 8.87 1.94
N SER A 171 12.37 8.85 3.23
CA SER A 171 12.41 7.59 3.96
C SER A 171 11.03 6.97 4.14
N GLN A 173 8.94 6.67 1.86
CA GLN A 173 8.61 6.04 0.59
C GLN A 173 9.11 4.58 0.48
N GLY A 174 9.95 4.16 1.41
CA GLY A 174 10.46 2.80 1.38
C GLY A 174 11.37 2.42 0.22
N GLY A 175 11.28 1.18 -0.22
CA GLY A 175 12.11 0.68 -1.30
C GLY A 175 11.94 1.35 -2.66
N LEU A 176 10.96 2.24 -2.78
CA LEU A 176 10.73 2.93 -4.04
C LEU A 176 11.93 3.79 -4.47
N VAL A 177 12.57 4.42 -3.49
CA VAL A 177 13.72 5.27 -3.75
C VAL A 177 14.88 4.38 -4.15
N GLY A 178 15.28 4.48 -5.42
CA GLY A 178 16.37 3.68 -5.94
C GLY A 178 16.47 3.82 -7.44
N ASN A 179 16.94 2.78 -8.11
CA ASN A 179 17.10 2.78 -9.57
C ASN A 179 15.86 2.38 -10.33
N ASP A 180 14.92 1.76 -9.63
CA ASP A 180 13.67 1.34 -10.26
C ASP A 180 12.54 2.23 -9.75
N GLU A 181 12.85 3.50 -9.51
CA GLU A 181 11.85 4.42 -8.99
C GLU A 181 10.62 4.57 -9.87
N THR A 182 10.83 4.75 -11.17
CA THR A 182 9.70 4.91 -12.07
C THR A 182 8.76 3.72 -12.03
N VAL A 183 9.34 2.52 -12.03
CA VAL A 183 8.55 1.29 -11.99
C VAL A 183 7.86 1.17 -10.62
N ALA A 184 8.61 1.39 -9.55
CA ALA A 184 8.05 1.31 -8.21
C ALA A 184 6.90 2.31 -8.05
N LEU A 185 7.08 3.53 -8.58
CA LEU A 185 6.04 4.55 -8.50
C LEU A 185 4.78 4.17 -9.30
N THR A 186 4.97 3.69 -10.53
CA THR A 186 3.86 3.29 -11.40
C THR A 186 3.04 2.16 -10.77
N ALA A 187 3.74 1.18 -10.19
CA ALA A 187 3.09 0.05 -9.52
C ALA A 187 2.34 0.53 -8.28
N PHE A 188 2.99 1.41 -7.52
CA PHE A 188 2.41 1.95 -6.30
C PHE A 188 1.12 2.72 -6.62
N VAL A 189 1.20 3.60 -7.61
CA VAL A 189 0.05 4.39 -7.99
C VAL A 189 -1.10 3.55 -8.55
N THR A 190 -0.75 2.48 -9.27
CA THR A 190 -1.78 1.61 -9.83
C THR A 190 -2.59 0.97 -8.70
N ILE A 191 -1.90 0.46 -7.69
CA ILE A 191 -2.54 -0.16 -6.53
C ILE A 191 -3.45 0.84 -5.83
N ALA A 192 -3.01 2.09 -5.76
CA ALA A 192 -3.77 3.16 -5.11
C ALA A 192 -5.09 3.42 -5.84
N LEU A 193 -5.03 3.47 -7.17
CA LEU A 193 -6.21 3.72 -8.00
C LEU A 193 -7.22 2.59 -7.87
N HIS A 194 -6.71 1.37 -7.75
CA HIS A 194 -7.56 0.20 -7.60
C HIS A 194 -8.39 0.32 -6.32
N HIS A 195 -7.74 0.66 -5.21
CA HIS A 195 -8.42 0.83 -3.94
C HIS A 195 -9.41 1.99 -3.98
N GLY A 196 -9.09 3.02 -4.74
CA GLY A 196 -9.96 4.17 -4.85
C GLY A 196 -11.25 3.83 -5.56
N LEU A 197 -11.21 2.91 -6.53
CA LEU A 197 -12.40 2.52 -7.27
C LEU A 197 -13.48 1.97 -6.36
N ALA A 198 -13.07 1.17 -5.37
CA ALA A 198 -13.98 0.56 -4.43
C ALA A 198 -14.81 1.55 -3.61
N VAL A 199 -14.47 2.83 -3.71
CA VAL A 199 -15.16 3.88 -2.97
C VAL A 199 -15.86 4.87 -3.92
N PHE A 200 -16.06 4.45 -5.17
CA PHE A 200 -16.72 5.33 -6.14
C PHE A 200 -18.24 5.22 -6.05
N GLN A 201 -18.93 6.36 -6.01
CA GLN A 201 -20.38 6.39 -5.94
C GLN A 201 -21.00 5.57 -7.06
N ASP A 202 -22.18 5.00 -6.79
CA ASP A 202 -22.88 4.19 -7.77
C ASP A 202 -23.63 5.04 -8.80
N GLU A 203 -23.22 4.88 -10.07
CA GLU A 203 -23.82 5.56 -11.22
C GLU A 203 -23.36 6.97 -11.59
N GLY A 204 -23.32 7.88 -10.62
CA GLY A 204 -22.92 9.24 -10.94
C GLY A 204 -21.58 9.46 -11.65
N ALA A 205 -20.58 8.63 -11.33
CA ALA A 205 -19.25 8.77 -11.92
C ALA A 205 -18.80 7.62 -12.82
N GLU A 206 -19.70 7.13 -13.66
CA GLU A 206 -19.39 6.05 -14.58
C GLU A 206 -18.23 6.37 -15.52
N PRO A 207 -18.21 7.59 -16.08
CA PRO A 207 -17.14 8.00 -16.99
C PRO A 207 -15.73 7.98 -16.36
N LEU A 208 -15.64 8.48 -15.14
CA LEU A 208 -14.36 8.51 -14.43
C LEU A 208 -13.87 7.08 -14.23
N LYS A 209 -14.75 6.23 -13.71
CA LYS A 209 -14.42 4.83 -13.44
C LYS A 209 -13.67 4.23 -14.62
N GLN A 210 -14.25 4.37 -15.80
CA GLN A 210 -13.68 3.83 -17.02
C GLN A 210 -12.32 4.43 -17.35
N ARG A 211 -12.17 5.74 -17.13
CA ARG A 211 -10.90 6.41 -17.40
C ARG A 211 -9.82 5.90 -16.44
N VAL A 212 -10.25 5.49 -15.24
CA VAL A 212 -9.34 4.96 -14.23
C VAL A 212 -8.98 3.52 -14.59
N GLU A 213 -9.90 2.79 -15.19
CA GLU A 213 -9.62 1.40 -15.58
C GLU A 213 -8.72 1.42 -16.80
N ALA A 214 -8.94 2.40 -17.66
CA ALA A 214 -8.13 2.52 -18.87
C ALA A 214 -6.71 2.90 -18.45
N SER A 215 -6.59 3.64 -17.35
CA SER A 215 -5.29 4.09 -16.86
C SER A 215 -4.52 2.95 -16.23
N ILE A 216 -5.23 2.13 -15.47
CA ILE A 216 -4.66 0.98 -14.80
C ILE A 216 -4.21 -0.05 -15.84
N SER A 217 -4.85 -0.04 -17.01
CA SER A 217 -4.50 -0.97 -18.09
C SER A 217 -3.19 -0.62 -18.78
N LYS A 218 -2.98 0.67 -19.07
CA LYS A 218 -1.76 1.09 -19.74
C LYS A 218 -0.56 0.91 -18.81
N ALA A 219 -0.77 1.19 -17.53
CA ALA A 219 0.27 1.05 -16.52
C ALA A 219 0.67 -0.41 -16.34
N SER A 220 -0.32 -1.29 -16.25
CA SER A 220 -0.05 -2.72 -16.08
C SER A 220 0.65 -3.26 -17.32
N SER A 221 0.37 -2.64 -18.46
CA SER A 221 1.00 -3.01 -19.72
C SER A 221 2.49 -2.66 -19.61
N PHE A 222 2.74 -1.42 -19.19
CA PHE A 222 4.09 -0.89 -18.98
C PHE A 222 4.85 -1.75 -17.96
N LEU A 223 4.17 -2.08 -16.87
CA LEU A 223 4.77 -2.89 -15.81
C LEU A 223 5.06 -4.31 -16.28
N GLY A 224 4.14 -4.87 -17.05
CA GLY A 224 4.32 -6.22 -17.56
C GLY A 224 5.52 -6.32 -18.50
N GLU A 225 5.77 -5.26 -19.25
CA GLU A 225 6.88 -5.23 -20.19
C GLU A 225 8.20 -5.18 -19.43
N LYS A 226 8.24 -4.35 -18.40
CA LYS A 226 9.42 -4.18 -17.57
C LYS A 226 9.78 -5.44 -16.77
N ALA A 227 8.77 -6.15 -16.28
CA ALA A 227 8.99 -7.36 -15.51
C ALA A 227 9.60 -8.45 -16.39
N SER A 228 9.18 -8.49 -17.66
CA SER A 228 9.65 -9.47 -18.63
C SER A 228 11.13 -9.29 -18.95
N ALA A 229 11.55 -8.04 -19.18
CA ALA A 229 12.94 -7.72 -19.52
C ALA A 229 13.93 -8.24 -18.48
N GLY A 230 13.44 -8.39 -17.24
CA GLY A 230 14.28 -8.92 -16.18
C GLY A 230 15.34 -8.01 -15.60
N LEU A 231 15.20 -6.71 -15.80
CA LEU A 231 16.18 -5.75 -15.28
C LEU A 231 15.76 -5.12 -13.95
N LEU A 232 14.62 -5.54 -13.41
CA LEU A 232 14.10 -4.99 -12.16
C LEU A 232 14.74 -5.59 -10.91
N GLY A 233 14.78 -4.78 -9.84
CA GLY A 233 15.33 -5.24 -8.58
C GLY A 233 14.28 -6.00 -7.80
N ALA A 234 14.66 -6.53 -6.65
CA ALA A 234 13.74 -7.32 -5.82
C ALA A 234 12.45 -6.59 -5.46
N HIS A 235 12.58 -5.37 -4.93
CA HIS A 235 11.44 -4.56 -4.53
C HIS A 235 10.54 -4.18 -5.71
N ALA A 236 11.15 -3.88 -6.85
CA ALA A 236 10.39 -3.51 -8.04
C ALA A 236 9.61 -4.72 -8.54
N ALA A 237 10.23 -5.89 -8.43
CA ALA A 237 9.62 -7.15 -8.86
C ALA A 237 8.40 -7.50 -8.02
N ALA A 238 8.57 -7.44 -6.70
CA ALA A 238 7.49 -7.75 -5.77
C ALA A 238 6.29 -6.82 -5.90
N ILE A 239 6.53 -5.51 -5.84
CA ILE A 239 5.43 -4.56 -5.93
C ILE A 239 4.70 -4.66 -7.27
N THR A 240 5.45 -4.93 -8.33
CA THR A 240 4.87 -5.07 -9.67
C THR A 240 3.97 -6.31 -9.74
N ALA A 241 4.45 -7.43 -9.20
CA ALA A 241 3.69 -8.67 -9.22
C ALA A 241 2.36 -8.48 -8.52
N TYR A 242 2.42 -7.88 -7.33
CA TYR A 242 1.21 -7.64 -6.55
C TYR A 242 0.26 -6.69 -7.29
N ALA A 243 0.82 -5.65 -7.88
CA ALA A 243 0.05 -4.68 -8.64
C ALA A 243 -0.72 -5.36 -9.78
N LEU A 244 -0.07 -6.27 -10.49
CA LEU A 244 -0.73 -6.96 -11.61
C LEU A 244 -1.79 -7.93 -11.14
N THR A 245 -1.46 -8.72 -10.13
CA THR A 245 -2.39 -9.68 -9.59
C THR A 245 -3.62 -9.00 -9.00
N LEU A 246 -3.38 -8.00 -8.17
CA LEU A 246 -4.45 -7.28 -7.51
C LEU A 246 -5.42 -6.65 -8.49
N THR A 247 -4.90 -6.14 -9.61
CA THR A 247 -5.75 -5.50 -10.61
C THR A 247 -6.19 -6.41 -11.77
N LYS A 248 -6.09 -7.73 -11.56
CA LYS A 248 -6.49 -8.72 -12.57
C LYS A 248 -5.94 -8.39 -13.96
N ALA A 249 -4.64 -8.27 -14.08
CA ALA A 249 -4.06 -7.97 -15.38
C ALA A 249 -4.09 -9.24 -16.24
N PRO A 250 -3.86 -9.10 -17.55
CA PRO A 250 -3.87 -10.27 -18.44
C PRO A 250 -3.04 -11.39 -17.83
N ALA A 251 -3.58 -12.61 -17.89
CA ALA A 251 -2.91 -13.79 -17.34
C ALA A 251 -1.44 -13.88 -17.77
N ASP A 252 -1.19 -13.71 -19.06
CA ASP A 252 0.17 -13.77 -19.58
C ASP A 252 1.09 -12.80 -18.86
N LEU A 253 0.60 -11.60 -18.59
CA LEU A 253 1.41 -10.59 -17.90
C LEU A 253 1.62 -11.03 -16.45
N ARG A 254 0.53 -11.34 -15.76
CA ARG A 254 0.63 -11.78 -14.37
C ARG A 254 1.53 -13.00 -14.21
N GLY A 255 1.54 -13.85 -15.25
CA GLY A 255 2.37 -15.05 -15.22
C GLY A 255 3.85 -14.72 -15.30
N VAL A 256 4.20 -13.79 -16.19
CA VAL A 256 5.59 -13.41 -16.33
C VAL A 256 6.10 -12.69 -15.09
N ALA A 257 5.25 -11.91 -14.45
CA ALA A 257 5.68 -11.18 -13.25
C ALA A 257 5.88 -12.16 -12.09
N HIS A 258 5.03 -13.18 -12.02
CA HIS A 258 5.14 -14.18 -10.95
C HIS A 258 6.43 -14.97 -11.09
N ASN A 259 6.66 -15.53 -12.27
CA ASN A 259 7.87 -16.31 -12.53
C ASN A 259 9.11 -15.46 -12.32
N ASN A 260 9.09 -14.24 -12.84
CA ASN A 260 10.23 -13.35 -12.69
C ASN A 260 10.52 -13.11 -11.20
N LEU A 261 9.48 -13.18 -10.37
CA LEU A 261 9.61 -12.97 -8.92
C LEU A 261 10.16 -14.20 -8.21
N ALA A 263 11.87 -16.54 -9.24
CA ALA A 263 13.26 -16.79 -9.62
C ALA A 263 14.22 -16.06 -8.69
N ALA A 265 13.34 -15.52 -5.41
CA ALA A 265 13.06 -16.00 -4.06
C ALA A 265 14.30 -16.52 -3.37
N GLN A 266 14.35 -16.33 -2.06
CA GLN A 266 15.47 -16.75 -1.24
C GLN A 266 14.96 -17.73 -0.18
N GLU A 267 15.06 -19.02 -0.46
CA GLU A 267 14.63 -20.03 0.51
C GLU A 267 15.86 -20.56 1.24
N THR A 268 16.39 -19.74 2.16
CA THR A 268 17.58 -20.09 2.94
C THR A 268 17.20 -20.53 4.36
N GLY A 269 16.81 -21.80 4.47
CA GLY A 269 16.38 -22.39 5.72
C GLY A 269 14.92 -22.70 5.48
N ASP A 270 14.09 -22.87 6.51
CA ASP A 270 12.70 -23.10 6.17
C ASP A 270 12.04 -21.72 6.18
N ASN A 271 12.79 -20.75 5.67
CA ASN A 271 12.34 -19.36 5.58
C ASN A 271 12.43 -18.86 4.16
N LEU A 272 11.35 -18.27 3.66
CA LEU A 272 11.36 -17.72 2.32
C LEU A 272 11.36 -16.21 2.45
N TYR A 273 12.15 -15.55 1.61
CA TYR A 273 12.21 -14.10 1.65
C TYR A 273 12.88 -13.54 0.41
N TRP A 274 12.69 -12.25 0.20
CA TRP A 274 13.26 -11.56 -0.94
C TRP A 274 14.11 -10.38 -0.46
N GLY A 275 15.04 -9.96 -1.32
CA GLY A 275 15.92 -8.87 -0.99
C GLY A 275 17.33 -9.14 -1.50
N GLN A 300 16.55 -7.78 12.66
CA GLN A 300 17.85 -8.05 11.99
C GLN A 300 17.85 -7.70 10.49
N ALA A 301 16.82 -8.10 9.76
CA ALA A 301 16.72 -7.83 8.32
C ALA A 301 16.37 -6.37 8.03
N PRO A 302 17.01 -5.76 7.01
CA PRO A 302 16.74 -4.35 6.66
C PRO A 302 15.30 -4.16 6.19
N ALA A 303 14.75 -2.99 6.50
CA ALA A 303 13.38 -2.63 6.13
C ALA A 303 13.03 -3.02 4.70
N LEU A 304 13.95 -2.77 3.78
CA LEU A 304 13.75 -3.07 2.37
C LEU A 304 13.28 -4.51 2.13
N TRP A 305 13.95 -5.46 2.80
CA TRP A 305 13.60 -6.86 2.65
C TRP A 305 12.21 -7.15 3.20
N ILE A 306 11.88 -6.53 4.33
CA ILE A 306 10.57 -6.75 4.93
C ILE A 306 9.46 -6.23 4.03
N GLU A 307 9.67 -5.06 3.44
CA GLU A 307 8.68 -4.47 2.55
C GLU A 307 8.54 -5.33 1.29
N THR A 308 9.67 -5.69 0.71
CA THR A 308 9.70 -6.52 -0.49
C THR A 308 9.04 -7.88 -0.28
N THR A 309 9.33 -8.51 0.85
CA THR A 309 8.76 -9.82 1.13
C THR A 309 7.26 -9.72 1.40
N ALA A 310 6.83 -8.65 2.08
CA ALA A 310 5.41 -8.47 2.37
C ALA A 310 4.57 -8.31 1.10
N TYR A 311 5.16 -7.67 0.08
CA TYR A 311 4.47 -7.47 -1.21
C TYR A 311 4.34 -8.80 -1.94
N ALA A 312 5.41 -9.60 -1.87
CA ALA A 312 5.43 -10.90 -2.51
C ALA A 312 4.33 -11.77 -1.91
N LEU A 313 4.14 -11.63 -0.60
CA LEU A 313 3.12 -12.41 0.10
C LEU A 313 1.71 -12.04 -0.35
N LEU A 314 1.42 -10.74 -0.38
CA LEU A 314 0.10 -10.30 -0.83
C LEU A 314 -0.18 -10.85 -2.22
N HIS A 315 0.87 -11.02 -3.00
CA HIS A 315 0.76 -11.55 -4.36
C HIS A 315 0.37 -13.03 -4.32
N LEU A 316 1.21 -13.84 -3.68
CA LEU A 316 0.99 -15.27 -3.55
C LEU A 316 -0.42 -15.58 -3.05
N LEU A 317 -0.83 -14.88 -2.00
CA LEU A 317 -2.14 -15.09 -1.42
C LEU A 317 -3.25 -14.81 -2.41
N LEU A 318 -2.95 -14.02 -3.44
CA LEU A 318 -3.93 -13.68 -4.46
C LEU A 318 -3.66 -14.47 -5.74
N HIS A 319 -2.45 -15.03 -5.83
CA HIS A 319 -2.05 -15.79 -7.00
C HIS A 319 -2.30 -17.30 -6.85
N GLU A 320 -2.04 -17.83 -5.65
CA GLU A 320 -2.26 -19.25 -5.37
C GLU A 320 -3.11 -19.46 -4.12
N GLY A 321 -2.86 -18.70 -3.05
CA GLY A 321 -3.68 -18.86 -1.87
C GLY A 321 -3.02 -19.02 -0.50
N LYS A 322 -2.57 -20.25 -0.21
CA LYS A 322 -1.92 -20.55 1.07
C LYS A 322 -1.16 -21.86 0.88
N ALA A 323 -0.06 -21.79 0.13
CA ALA A 323 0.75 -22.96 -0.16
C ALA A 323 2.02 -22.95 0.69
N GLU A 324 3.04 -23.67 0.24
CA GLU A 324 4.29 -23.73 0.98
C GLU A 324 4.96 -22.36 1.13
N ALA A 326 3.73 -19.39 0.79
CA ALA A 326 2.90 -18.46 1.56
C ALA A 326 3.23 -18.57 3.04
N ASP A 327 3.38 -19.81 3.53
CA ASP A 327 3.69 -20.04 4.93
C ASP A 327 5.17 -19.82 5.24
N GLN A 328 6.04 -20.23 4.32
CA GLN A 328 7.47 -20.06 4.52
C GLN A 328 7.82 -18.58 4.66
N ALA A 329 7.17 -17.74 3.85
CA ALA A 329 7.40 -16.30 3.86
C ALA A 329 6.69 -15.63 5.03
N SER A 330 5.51 -16.12 5.35
CA SER A 330 4.71 -15.56 6.43
C SER A 330 5.35 -15.82 7.80
N ALA A 331 6.28 -16.78 7.84
CA ALA A 331 6.96 -17.11 9.09
C ALA A 331 8.24 -16.28 9.21
N TRP A 332 8.83 -15.96 8.06
CA TRP A 332 10.03 -15.17 8.05
C TRP A 332 9.79 -13.72 8.48
N LEU A 333 8.72 -13.12 7.98
CA LEU A 333 8.44 -11.73 8.34
C LEU A 333 7.77 -11.63 9.71
N THR A 334 7.23 -12.75 10.18
CA THR A 334 6.61 -12.77 11.50
C THR A 334 7.74 -12.65 12.52
N ARG A 335 8.88 -13.27 12.21
CA ARG A 335 10.04 -13.22 13.10
C ARG A 335 10.71 -11.85 13.03
N GLN A 336 10.55 -11.19 11.89
CA GLN A 336 11.15 -9.87 11.73
C GLN A 336 10.33 -8.86 12.51
N GLY A 337 9.02 -9.02 12.52
CA GLY A 337 8.16 -8.08 13.24
C GLY A 337 8.06 -8.39 14.73
N SER A 338 8.67 -9.50 15.14
CA SER A 338 8.63 -9.89 16.54
C SER A 338 9.77 -9.23 17.32
N PHE A 339 10.87 -8.95 16.63
CA PHE A 339 12.03 -8.29 17.24
C PHE A 339 11.61 -7.06 18.05
N GLN A 340 12.43 -6.71 19.04
CA GLN A 340 12.17 -5.56 19.91
C GLN A 340 11.96 -4.31 19.06
N GLY A 341 10.72 -3.81 19.03
CA GLY A 341 10.43 -2.62 18.26
C GLY A 341 9.61 -2.89 17.02
N GLY A 342 9.39 -4.16 16.69
CA GLY A 342 8.62 -4.51 15.51
C GLY A 342 9.33 -4.13 14.22
N PHE A 343 8.54 -3.75 13.21
CA PHE A 343 9.08 -3.34 11.92
C PHE A 343 9.72 -1.96 12.08
N ARG A 344 10.62 -1.59 11.18
CA ARG A 344 11.32 -0.32 11.33
C ARG A 344 11.15 0.83 10.36
N SER A 345 9.92 1.20 10.01
CA SER A 345 9.72 2.33 9.11
C SER A 345 8.29 2.32 8.54
N THR A 346 7.94 3.35 7.78
CA THR A 346 6.58 3.45 7.24
C THR A 346 6.12 2.30 6.33
N GLN A 347 6.74 2.19 5.17
CA GLN A 347 6.35 1.16 4.20
C GLN A 347 6.40 -0.29 4.65
N ASP A 348 7.56 -0.74 5.13
CA ASP A 348 7.69 -2.12 5.58
C ASP A 348 6.66 -2.44 6.66
N THR A 349 6.42 -1.50 7.57
CA THR A 349 5.44 -1.71 8.65
C THR A 349 4.01 -1.86 8.13
N VAL A 350 3.57 -0.88 7.34
CA VAL A 350 2.24 -0.87 6.77
C VAL A 350 1.93 -2.08 5.89
N ILE A 351 2.76 -2.31 4.88
CA ILE A 351 2.54 -3.42 3.96
C ILE A 351 2.65 -4.80 4.65
N ALA A 352 3.57 -4.92 5.61
CA ALA A 352 3.77 -6.17 6.35
C ALA A 352 2.54 -6.53 7.18
N LEU A 353 1.96 -5.52 7.83
CA LEU A 353 0.77 -5.73 8.63
C LEU A 353 -0.42 -6.10 7.73
N ASP A 354 -0.49 -5.51 6.54
CA ASP A 354 -1.58 -5.81 5.60
C ASP A 354 -1.43 -7.27 5.13
N ALA A 355 -0.18 -7.68 4.88
CA ALA A 355 0.12 -9.03 4.43
C ALA A 355 -0.25 -10.09 5.46
N LEU A 356 0.25 -9.93 6.67
CA LEU A 356 0.00 -10.87 7.76
C LEU A 356 -1.47 -10.92 8.16
N SER A 357 -2.18 -9.83 8.00
CA SER A 357 -3.59 -9.85 8.37
C SER A 357 -4.35 -10.60 7.26
N ALA A 358 -3.92 -10.40 6.01
CA ALA A 358 -4.54 -11.07 4.88
C ALA A 358 -4.22 -12.56 4.92
N TYR A 359 -3.04 -12.88 5.41
CA TYR A 359 -2.60 -14.27 5.51
C TYR A 359 -3.47 -14.98 6.55
N TRP A 360 -3.64 -14.33 7.69
CA TRP A 360 -4.45 -14.88 8.76
C TRP A 360 -5.77 -15.39 8.21
N ILE A 361 -6.60 -14.48 7.69
CA ILE A 361 -7.89 -14.86 7.12
C ILE A 361 -7.76 -16.11 6.25
N ALA A 362 -6.71 -16.17 5.44
CA ALA A 362 -6.50 -17.32 4.57
C ALA A 362 -6.24 -18.61 5.34
N SER A 363 -5.74 -18.48 6.57
CA SER A 363 -5.40 -19.63 7.40
C SER A 363 -6.43 -19.94 8.49
N HIS A 364 -7.45 -19.08 8.62
CA HIS A 364 -8.49 -19.26 9.62
C HIS A 364 -9.88 -19.09 9.02
N THR A 365 -10.09 -19.73 7.86
CA THR A 365 -11.37 -19.69 7.16
C THR A 365 -12.41 -20.56 7.90
#